data_1U16
#
_entry.id   1U16
#
_cell.length_a   133.280
_cell.length_b   133.280
_cell.length_c   73.910
_cell.angle_alpha   90.00
_cell.angle_beta   90.00
_cell.angle_gamma   90.00
#
_symmetry.space_group_name_H-M   'P 4 21 2'
#
loop_
_entity.id
_entity.type
_entity.pdbx_description
1 polymer 'Delta crystallin I'
2 non-polymer 'SULFATE ION'
3 non-polymer 'CHLORIDE ION'
4 non-polymer '2-(N-MORPHOLINO)-ETHANESULFONIC ACID'
5 water water
#
_entity_poly.entity_id   1
_entity_poly.type   'polypeptide(L)'
_entity_poly.pdbx_seq_one_letter_code
;MASEGDKLMGGRFVGSTDPIMEKLNSSIAYDQRLSEVDIQASIAYAKALEKAGILTKTELEKILSGLEKISEEWSKGVFV
VKQSDEDIHTANERRLKELIGDIAGKLHTGRSRNEQVVTDLKLFMKNSLSIISTHLLQLIKTLVERAAIEIDVILPGYTH
LQKAQPIRWSQFLLSHAVALTRDSERLGEVKKRINVLPLGSGALAGNPLDIDREMLRSELEFASISLNSMDAISERDFVV
EFLSVATLLLIHLSKMAEDLIIYSTSEFGFLTLSDAFSTGSSLMPQKKNPDSLELIRSKAGRVFGRLASILMVLKGLPST
YNKDLQEDKEAVIDVVDTLTAVLQVATGVISTLQISKENMEKALTPEMLATDLALYLVRKGMPFRQAHTASGKAVHLAET
KGIAINNLTLEDLKSISPLFSSDVSQVFNFVNSVEQYTALGGTAKSSVTTQIEQLRELMKKQKEQAHHHHHH
;
_entity_poly.pdbx_strand_id   A
#
loop_
_chem_comp.id
_chem_comp.type
_chem_comp.name
_chem_comp.formula
CL non-polymer 'CHLORIDE ION' 'Cl -1'
MES non-polymer '2-(N-MORPHOLINO)-ETHANESULFONIC ACID' 'C6 H13 N O4 S'
SO4 non-polymer 'SULFATE ION' 'O4 S -2'
#
# COMPACT_ATOMS: atom_id res chain seq x y z
N SER A 16 43.58 -6.94 -0.34
CA SER A 16 43.55 -8.32 -0.88
C SER A 16 42.24 -8.62 -1.61
N THR A 17 41.12 -8.23 -1.03
CA THR A 17 39.82 -8.49 -1.64
C THR A 17 39.78 -7.97 -3.06
N ASP A 18 39.33 -8.83 -3.98
CA ASP A 18 39.22 -8.47 -5.39
C ASP A 18 38.39 -7.20 -5.45
N PRO A 19 38.90 -6.17 -6.14
CA PRO A 19 38.16 -4.91 -6.23
C PRO A 19 36.75 -5.05 -6.77
N ILE A 20 36.57 -5.88 -7.79
CA ILE A 20 35.22 -6.04 -8.33
C ILE A 20 34.30 -6.72 -7.34
N MET A 21 34.80 -7.73 -6.63
CA MET A 21 33.94 -8.40 -5.67
C MET A 21 33.61 -7.46 -4.53
N GLU A 22 34.60 -6.65 -4.13
CA GLU A 22 34.39 -5.70 -3.05
C GLU A 22 33.32 -4.68 -3.41
N LYS A 23 33.29 -4.29 -4.68
CA LYS A 23 32.30 -3.34 -5.17
C LYS A 23 30.92 -3.99 -5.18
N LEU A 24 30.87 -5.24 -5.63
CA LEU A 24 29.62 -5.99 -5.69
C LEU A 24 29.12 -6.26 -4.28
N ASN A 25 30.05 -6.21 -3.33
CA ASN A 25 29.76 -6.49 -1.93
C ASN A 25 29.36 -5.28 -1.10
N SER A 26 29.65 -4.09 -1.60
CA SER A 26 29.34 -2.85 -0.90
C SER A 26 27.85 -2.48 -0.89
N SER A 27 27.33 -2.20 0.30
CA SER A 27 25.92 -1.85 0.44
C SER A 27 25.74 -0.46 1.04
N ILE A 28 26.84 0.28 1.13
CA ILE A 28 26.81 1.63 1.72
C ILE A 28 26.04 2.65 0.89
N ALA A 29 26.06 2.50 -0.43
CA ALA A 29 25.33 3.42 -1.32
C ALA A 29 23.87 3.59 -0.87
N TYR A 30 23.18 2.47 -0.64
N TYR A 30 23.19 2.47 -0.65
CA TYR A 30 21.80 2.50 -0.20
CA TYR A 30 21.80 2.44 -0.23
C TYR A 30 21.63 2.43 1.31
C TYR A 30 21.63 2.41 1.29
N ASP A 31 22.42 1.59 1.99
CA ASP A 31 22.26 1.49 3.43
C ASP A 31 22.77 2.63 4.32
N GLN A 32 22.95 3.80 3.72
CA GLN A 32 23.33 5.02 4.44
C GLN A 32 22.01 5.50 5.01
N ARG A 33 20.92 4.98 4.47
N ARG A 33 20.92 4.98 4.47
CA ARG A 33 19.58 5.34 4.91
CA ARG A 33 19.58 5.34 4.90
C ARG A 33 19.37 4.78 6.30
C ARG A 33 19.37 4.79 6.30
N LEU A 34 20.27 3.90 6.72
CA LEU A 34 20.18 3.30 8.04
C LEU A 34 21.21 3.92 8.98
N SER A 35 21.79 5.05 8.60
N SER A 35 21.78 5.06 8.59
CA SER A 35 22.81 5.68 9.44
CA SER A 35 22.79 5.72 9.41
C SER A 35 22.32 6.02 10.84
C SER A 35 22.31 6.02 10.83
N GLU A 36 21.16 6.65 10.94
CA GLU A 36 20.63 7.01 12.24
C GLU A 36 20.20 5.84 13.12
N VAL A 37 19.41 4.90 12.60
CA VAL A 37 18.97 3.78 13.44
C VAL A 37 20.15 2.94 13.88
N ASP A 38 21.21 2.94 13.09
CA ASP A 38 22.39 2.19 13.44
C ASP A 38 23.09 2.83 14.66
N ILE A 39 23.13 4.17 14.72
CA ILE A 39 23.76 4.85 15.86
C ILE A 39 22.88 4.56 17.06
N GLN A 40 21.58 4.79 16.90
CA GLN A 40 20.58 4.56 17.94
C GLN A 40 20.71 3.14 18.52
N ALA A 41 20.95 2.15 17.66
CA ALA A 41 21.08 0.76 18.12
C ALA A 41 22.43 0.56 18.81
N SER A 42 23.46 1.27 18.35
CA SER A 42 24.77 1.16 18.97
C SER A 42 24.73 1.82 20.33
N ILE A 43 24.01 2.94 20.42
CA ILE A 43 23.87 3.66 21.67
C ILE A 43 23.22 2.74 22.71
N ALA A 44 22.10 2.12 22.35
CA ALA A 44 21.40 1.21 23.25
C ALA A 44 22.30 0.07 23.72
N TYR A 45 23.06 -0.50 22.80
CA TYR A 45 23.95 -1.59 23.15
C TYR A 45 25.11 -1.12 24.04
N ALA A 46 25.59 0.10 23.81
CA ALA A 46 26.68 0.64 24.63
C ALA A 46 26.22 0.67 26.09
N LYS A 47 25.00 1.16 26.33
CA LYS A 47 24.47 1.22 27.68
C LYS A 47 24.27 -0.15 28.31
N ALA A 48 23.95 -1.15 27.50
CA ALA A 48 23.76 -2.49 28.05
C ALA A 48 25.10 -3.10 28.38
N LEU A 49 26.13 -2.76 27.60
CA LEU A 49 27.49 -3.26 27.82
C LEU A 49 28.05 -2.69 29.12
N GLU A 50 27.71 -1.44 29.41
CA GLU A 50 28.16 -0.81 30.65
C GLU A 50 27.50 -1.56 31.79
N LYS A 51 26.19 -1.80 31.70
CA LYS A 51 25.49 -2.54 32.74
C LYS A 51 26.00 -3.98 32.87
N ALA A 52 26.55 -4.54 31.78
CA ALA A 52 27.06 -5.90 31.81
C ALA A 52 28.49 -5.94 32.34
N GLY A 53 29.04 -4.77 32.64
CA GLY A 53 30.40 -4.70 33.16
C GLY A 53 31.51 -4.69 32.12
N ILE A 54 31.18 -4.46 30.87
CA ILE A 54 32.20 -4.45 29.83
C ILE A 54 32.81 -3.05 29.67
N LEU A 55 31.99 -2.03 29.90
CA LEU A 55 32.44 -0.64 29.81
C LEU A 55 32.36 -0.01 31.19
N THR A 56 33.24 0.95 31.46
CA THR A 56 33.21 1.68 32.73
C THR A 56 32.31 2.86 32.39
N LYS A 57 31.66 3.42 33.41
CA LYS A 57 30.77 4.55 33.17
C LYS A 57 31.53 5.67 32.49
N THR A 58 32.84 5.69 32.67
CA THR A 58 33.67 6.71 32.05
C THR A 58 33.79 6.40 30.57
N GLU A 59 33.96 5.12 30.24
CA GLU A 59 34.08 4.69 28.87
C GLU A 59 32.77 4.90 28.16
N LEU A 60 31.67 4.53 28.82
CA LEU A 60 30.36 4.69 28.21
C LEU A 60 30.21 6.13 27.72
N GLU A 61 30.49 7.10 28.60
CA GLU A 61 30.39 8.51 28.26
C GLU A 61 31.13 8.84 26.96
N LYS A 62 32.38 8.42 26.87
CA LYS A 62 33.17 8.70 25.67
C LYS A 62 32.49 8.09 24.46
N ILE A 63 31.96 6.89 24.66
CA ILE A 63 31.29 6.16 23.59
C ILE A 63 29.98 6.83 23.13
N LEU A 64 29.08 7.16 24.05
CA LEU A 64 27.82 7.78 23.68
C LEU A 64 28.05 9.16 23.07
N SER A 65 29.10 9.83 23.56
CA SER A 65 29.45 11.15 23.07
C SER A 65 29.96 11.04 21.63
N GLY A 66 30.77 10.03 21.38
CA GLY A 66 31.30 9.83 20.04
C GLY A 66 30.18 9.48 19.08
N LEU A 67 29.33 8.54 19.49
CA LEU A 67 28.22 8.10 18.66
C LEU A 67 27.31 9.28 18.31
N GLU A 68 26.95 10.05 19.32
CA GLU A 68 26.09 11.20 19.12
C GLU A 68 26.72 12.15 18.12
N LYS A 69 28.05 12.19 18.12
CA LYS A 69 28.77 13.07 17.21
C LYS A 69 28.67 12.56 15.78
N ILE A 70 28.80 11.25 15.63
CA ILE A 70 28.69 10.63 14.31
C ILE A 70 27.26 10.83 13.76
N SER A 71 26.28 10.77 14.67
CA SER A 71 24.91 10.96 14.28
C SER A 71 24.78 12.36 13.68
N GLU A 72 25.40 13.32 14.33
CA GLU A 72 25.39 14.69 13.85
C GLU A 72 26.01 14.80 12.47
N GLU A 73 27.12 14.11 12.25
CA GLU A 73 27.80 14.18 10.97
C GLU A 73 26.90 13.74 9.83
N TRP A 74 26.14 12.66 10.06
CA TRP A 74 25.22 12.14 9.04
C TRP A 74 24.05 13.08 8.78
N SER A 75 23.46 13.60 9.85
CA SER A 75 22.32 14.50 9.71
C SER A 75 22.69 15.85 9.12
N LYS A 76 23.95 16.25 9.30
CA LYS A 76 24.40 17.52 8.73
C LYS A 76 24.92 17.27 7.32
N GLY A 77 24.88 16.00 6.90
CA GLY A 77 25.35 15.66 5.57
C GLY A 77 26.84 15.89 5.39
N VAL A 78 27.62 15.70 6.46
CA VAL A 78 29.05 15.90 6.36
C VAL A 78 29.87 14.65 6.65
N PHE A 79 29.20 13.55 6.98
CA PHE A 79 29.92 12.30 7.25
C PHE A 79 30.68 11.95 5.98
N VAL A 80 31.90 11.44 6.14
CA VAL A 80 32.72 11.09 4.98
C VAL A 80 32.96 9.58 4.81
N VAL A 81 32.35 9.00 3.80
CA VAL A 81 32.46 7.57 3.51
C VAL A 81 33.81 7.25 2.85
N LYS A 82 34.53 6.29 3.42
CA LYS A 82 35.82 5.93 2.86
C LYS A 82 35.72 4.63 2.08
N GLN A 83 36.71 4.37 1.24
CA GLN A 83 36.78 3.18 0.42
C GLN A 83 36.44 1.87 1.14
N SER A 84 37.12 1.65 2.25
CA SER A 84 36.96 0.45 3.04
C SER A 84 35.59 0.20 3.70
N ASP A 85 34.67 1.16 3.62
CA ASP A 85 33.35 0.99 4.24
C ASP A 85 32.45 0.13 3.35
N GLU A 86 32.35 -1.15 3.68
CA GLU A 86 31.51 -2.05 2.89
C GLU A 86 30.03 -1.91 3.24
N ASP A 87 29.75 -1.29 4.38
CA ASP A 87 28.37 -1.07 4.79
C ASP A 87 28.31 0.02 5.84
N ILE A 88 27.10 0.43 6.22
CA ILE A 88 26.94 1.49 7.20
C ILE A 88 27.55 1.11 8.55
N HIS A 89 27.37 -0.15 8.94
CA HIS A 89 27.87 -0.63 10.22
C HIS A 89 29.37 -0.48 10.33
N THR A 90 30.06 -0.78 9.23
CA THR A 90 31.51 -0.68 9.18
C THR A 90 31.94 0.78 9.19
N ALA A 91 31.11 1.64 8.63
CA ALA A 91 31.42 3.06 8.56
C ALA A 91 31.38 3.69 9.96
N ASN A 92 30.28 3.46 10.67
CA ASN A 92 30.12 4.03 11.99
C ASN A 92 31.13 3.51 12.97
N GLU A 93 31.53 2.25 12.82
CA GLU A 93 32.53 1.67 13.70
C GLU A 93 33.88 2.31 13.42
N ARG A 94 34.20 2.51 12.15
CA ARG A 94 35.47 3.14 11.81
C ARG A 94 35.52 4.55 12.37
N ARG A 95 34.45 5.31 12.14
CA ARG A 95 34.39 6.69 12.58
C ARG A 95 34.52 6.84 14.09
N LEU A 96 33.87 5.96 14.84
CA LEU A 96 33.95 6.06 16.30
C LEU A 96 35.38 5.80 16.78
N LYS A 97 36.05 4.86 16.12
CA LYS A 97 37.41 4.52 16.49
C LYS A 97 38.37 5.68 16.23
N GLU A 98 38.19 6.40 15.13
CA GLU A 98 39.09 7.51 14.83
C GLU A 98 38.79 8.74 15.69
N LEU A 99 37.66 8.70 16.36
CA LEU A 99 37.25 9.79 17.23
C LEU A 99 37.74 9.56 18.67
N ILE A 100 37.53 8.35 19.19
CA ILE A 100 37.91 8.03 20.57
C ILE A 100 38.95 6.94 20.75
N GLY A 101 39.46 6.39 19.67
CA GLY A 101 40.48 5.35 19.80
C GLY A 101 40.04 3.97 20.20
N ASP A 102 40.94 3.26 20.89
CA ASP A 102 40.74 1.89 21.35
C ASP A 102 39.45 1.56 22.09
N ILE A 103 38.90 2.54 22.76
CA ILE A 103 37.68 2.35 23.51
C ILE A 103 36.55 1.93 22.57
N ALA A 104 36.53 2.48 21.37
CA ALA A 104 35.49 2.14 20.39
C ALA A 104 35.37 0.64 20.23
N GLY A 105 36.52 -0.04 20.17
CA GLY A 105 36.56 -1.48 19.98
C GLY A 105 35.84 -2.32 21.02
N LYS A 106 35.52 -1.76 22.18
CA LYS A 106 34.84 -2.52 23.22
C LYS A 106 33.36 -2.67 22.90
N LEU A 107 32.84 -1.75 22.10
CA LEU A 107 31.43 -1.78 21.71
C LEU A 107 31.06 -3.04 20.92
N HIS A 108 32.04 -3.61 20.21
CA HIS A 108 31.85 -4.80 19.37
C HIS A 108 31.68 -6.09 20.16
N THR A 109 32.05 -6.07 21.43
CA THR A 109 31.96 -7.24 22.31
C THR A 109 30.61 -7.93 22.22
N GLY A 110 30.65 -9.24 21.92
CA GLY A 110 29.45 -10.05 21.81
C GLY A 110 28.49 -9.66 20.70
N ARG A 111 28.88 -8.70 19.87
CA ARG A 111 28.00 -8.24 18.80
C ARG A 111 28.40 -8.72 17.43
N SER A 112 27.38 -9.03 16.62
CA SER A 112 27.58 -9.51 15.27
C SER A 112 26.89 -8.62 14.25
N ARG A 113 27.39 -8.63 13.03
CA ARG A 113 26.79 -7.85 11.98
C ARG A 113 25.45 -8.50 11.64
N ASN A 114 25.39 -9.81 11.79
CA ASN A 114 24.18 -10.56 11.47
C ASN A 114 23.01 -10.06 12.30
N GLU A 115 23.27 -9.50 13.48
CA GLU A 115 22.15 -9.00 14.29
C GLU A 115 21.91 -7.50 14.12
N GLN A 116 22.98 -6.76 13.80
CA GLN A 116 22.89 -5.31 13.59
C GLN A 116 22.05 -5.08 12.36
N VAL A 117 22.28 -5.92 11.37
CA VAL A 117 21.60 -5.82 10.10
C VAL A 117 20.07 -5.95 10.20
N VAL A 118 19.57 -6.93 10.95
CA VAL A 118 18.12 -7.05 11.06
C VAL A 118 17.56 -6.03 12.07
N THR A 119 18.36 -5.69 13.08
CA THR A 119 17.90 -4.73 14.08
C THR A 119 17.72 -3.37 13.41
N ASP A 120 18.69 -2.96 12.61
CA ASP A 120 18.63 -1.69 11.93
C ASP A 120 17.48 -1.62 10.95
N LEU A 121 17.38 -2.63 10.09
CA LEU A 121 16.33 -2.66 9.10
C LEU A 121 14.94 -2.66 9.72
N LYS A 122 14.79 -3.32 10.87
CA LYS A 122 13.50 -3.32 11.53
C LYS A 122 13.22 -1.93 12.10
N LEU A 123 14.26 -1.28 12.63
CA LEU A 123 14.11 0.07 13.18
C LEU A 123 13.70 1.02 12.06
N PHE A 124 14.35 0.87 10.90
CA PHE A 124 14.03 1.68 9.73
C PHE A 124 12.60 1.40 9.26
N MET A 125 12.21 0.13 9.24
CA MET A 125 10.89 -0.24 8.80
C MET A 125 9.80 0.30 9.73
N LYS A 126 10.03 0.26 11.03
CA LYS A 126 9.03 0.79 11.95
C LYS A 126 8.77 2.26 11.63
N ASN A 127 9.84 3.04 11.47
CA ASN A 127 9.65 4.46 11.17
C ASN A 127 8.99 4.65 9.82
N SER A 128 9.37 3.82 8.85
CA SER A 128 8.82 3.93 7.52
C SER A 128 7.34 3.59 7.47
N LEU A 129 6.92 2.59 8.23
CA LEU A 129 5.51 2.21 8.25
C LEU A 129 4.63 3.34 8.75
N SER A 130 5.09 4.09 9.74
CA SER A 130 4.31 5.19 10.29
C SER A 130 4.00 6.21 9.21
N ILE A 131 5.01 6.56 8.43
CA ILE A 131 4.86 7.53 7.36
C ILE A 131 3.89 6.99 6.32
N ILE A 132 4.10 5.75 5.91
CA ILE A 132 3.26 5.09 4.92
C ILE A 132 1.81 5.05 5.42
N SER A 133 1.63 4.65 6.68
CA SER A 133 0.30 4.57 7.26
C SER A 133 -0.40 5.93 7.18
N THR A 134 0.30 6.98 7.61
CA THR A 134 -0.23 8.33 7.57
C THR A 134 -0.76 8.65 6.18
N HIS A 135 0.06 8.38 5.16
CA HIS A 135 -0.34 8.67 3.79
C HIS A 135 -1.49 7.76 3.32
N LEU A 136 -1.43 6.48 3.67
CA LEU A 136 -2.47 5.55 3.25
C LEU A 136 -3.82 5.99 3.81
N LEU A 137 -3.83 6.37 5.08
CA LEU A 137 -5.06 6.80 5.71
C LEU A 137 -5.61 8.09 5.10
N GLN A 138 -4.72 8.95 4.65
CA GLN A 138 -5.12 10.18 4.00
C GLN A 138 -5.77 9.87 2.65
N LEU A 139 -5.27 8.83 1.97
CA LEU A 139 -5.82 8.45 0.67
C LEU A 139 -7.25 7.92 0.84
N ILE A 140 -7.44 7.07 1.84
CA ILE A 140 -8.73 6.48 2.13
C ILE A 140 -9.71 7.59 2.54
N LYS A 141 -9.22 8.53 3.34
CA LYS A 141 -10.04 9.64 3.81
C LYS A 141 -10.50 10.45 2.60
N THR A 142 -9.55 10.74 1.71
CA THR A 142 -9.87 11.50 0.52
C THR A 142 -10.99 10.86 -0.28
N LEU A 143 -10.96 9.54 -0.41
CA LEU A 143 -11.99 8.82 -1.16
C LEU A 143 -13.33 8.82 -0.41
N VAL A 144 -13.25 8.62 0.91
CA VAL A 144 -14.46 8.59 1.74
C VAL A 144 -15.15 9.94 1.79
N GLU A 145 -14.38 11.00 1.93
CA GLU A 145 -14.97 12.32 2.01
C GLU A 145 -15.52 12.80 0.67
N ARG A 146 -14.87 12.44 -0.43
CA ARG A 146 -15.41 12.85 -1.71
C ARG A 146 -16.69 12.03 -1.97
N ALA A 147 -16.67 10.78 -1.56
CA ALA A 147 -17.84 9.94 -1.75
C ALA A 147 -19.01 10.53 -0.98
N ALA A 148 -18.73 11.19 0.13
CA ALA A 148 -19.81 11.78 0.89
C ALA A 148 -20.36 12.99 0.15
N ILE A 149 -19.47 13.75 -0.48
CA ILE A 149 -19.89 14.94 -1.21
C ILE A 149 -20.64 14.62 -2.48
N GLU A 150 -20.17 13.61 -3.21
CA GLU A 150 -20.80 13.28 -4.49
C GLU A 150 -21.76 12.10 -4.44
N ILE A 151 -22.41 11.95 -3.29
CA ILE A 151 -23.34 10.85 -3.06
C ILE A 151 -24.56 10.76 -3.97
N ASP A 152 -24.93 11.86 -4.63
CA ASP A 152 -26.11 11.79 -5.50
C ASP A 152 -25.82 11.41 -6.94
N VAL A 153 -24.53 11.29 -7.29
CA VAL A 153 -24.15 10.94 -8.67
C VAL A 153 -24.30 9.44 -9.02
N ILE A 154 -24.99 9.16 -10.11
CA ILE A 154 -25.19 7.80 -10.58
C ILE A 154 -24.56 7.64 -11.97
N LEU A 155 -23.89 6.51 -12.20
CA LEU A 155 -23.28 6.24 -13.48
C LEU A 155 -23.33 4.74 -13.69
N PRO A 156 -22.82 4.24 -14.83
CA PRO A 156 -22.86 2.79 -15.03
C PRO A 156 -21.87 2.01 -14.14
N GLY A 157 -22.22 0.78 -13.85
CA GLY A 157 -21.36 -0.12 -13.10
C GLY A 157 -21.01 -1.18 -14.14
N TYR A 158 -19.80 -1.75 -14.10
CA TYR A 158 -19.40 -2.73 -15.10
C TYR A 158 -18.87 -4.09 -14.61
N THR A 159 -19.11 -5.13 -15.41
CA THR A 159 -18.54 -6.46 -15.18
C THR A 159 -18.15 -6.81 -16.64
N HIS A 160 -16.91 -7.28 -16.86
CA HIS A 160 -16.44 -7.61 -18.21
C HIS A 160 -16.27 -6.32 -19.05
N LEU A 161 -16.25 -5.19 -18.36
CA LEU A 161 -16.15 -3.88 -18.98
C LEU A 161 -17.37 -3.61 -19.87
N GLN A 162 -18.45 -4.30 -19.55
CA GLN A 162 -19.73 -4.15 -20.25
C GLN A 162 -20.69 -3.52 -19.23
N LYS A 163 -21.53 -2.58 -19.65
CA LYS A 163 -22.46 -1.95 -18.72
C LYS A 163 -23.32 -3.02 -18.07
N ALA A 164 -23.36 -3.02 -16.74
CA ALA A 164 -24.12 -4.02 -15.98
C ALA A 164 -25.44 -3.51 -15.40
N GLN A 165 -25.34 -2.85 -14.25
CA GLN A 165 -26.47 -2.27 -13.54
C GLN A 165 -25.98 -0.91 -13.05
N PRO A 166 -26.88 0.08 -12.89
CA PRO A 166 -26.46 1.41 -12.43
C PRO A 166 -25.99 1.39 -10.98
N ILE A 167 -24.99 2.20 -10.66
CA ILE A 167 -24.49 2.28 -9.30
C ILE A 167 -24.12 3.72 -9.02
N ARG A 168 -23.94 4.08 -7.75
CA ARG A 168 -23.57 5.45 -7.42
C ARG A 168 -22.05 5.58 -7.52
N TRP A 169 -21.61 6.75 -7.96
CA TRP A 169 -20.20 7.05 -8.11
C TRP A 169 -19.56 6.89 -6.74
N SER A 170 -20.34 7.17 -5.70
CA SER A 170 -19.85 7.03 -4.35
C SER A 170 -19.62 5.57 -3.99
N GLN A 171 -20.45 4.69 -4.56
CA GLN A 171 -20.31 3.25 -4.30
C GLN A 171 -18.96 2.80 -4.92
N PHE A 172 -18.60 3.42 -6.05
CA PHE A 172 -17.35 3.09 -6.73
C PHE A 172 -16.16 3.58 -5.87
N LEU A 173 -16.17 4.84 -5.48
CA LEU A 173 -15.09 5.37 -4.66
C LEU A 173 -14.90 4.57 -3.39
N LEU A 174 -16.01 4.10 -2.83
CA LEU A 174 -15.93 3.34 -1.60
C LEU A 174 -15.40 1.93 -1.77
N SER A 175 -15.60 1.29 -2.91
CA SER A 175 -15.05 -0.06 -3.08
C SER A 175 -13.53 0.05 -3.01
N HIS A 176 -13.00 1.13 -3.56
CA HIS A 176 -11.56 1.31 -3.53
C HIS A 176 -11.13 1.66 -2.11
N ALA A 177 -11.88 2.54 -1.46
CA ALA A 177 -11.55 2.89 -0.08
C ALA A 177 -11.52 1.63 0.78
N VAL A 178 -12.55 0.79 0.65
CA VAL A 178 -12.64 -0.42 1.45
C VAL A 178 -11.45 -1.35 1.26
N ALA A 179 -11.06 -1.57 0.00
CA ALA A 179 -9.93 -2.44 -0.28
C ALA A 179 -8.68 -1.87 0.36
N LEU A 180 -8.50 -0.56 0.21
CA LEU A 180 -7.34 0.14 0.75
C LEU A 180 -7.30 0.04 2.30
N THR A 181 -8.48 -0.13 2.90
CA THR A 181 -8.54 -0.26 4.36
C THR A 181 -8.00 -1.62 4.79
N ARG A 182 -8.18 -2.64 3.95
CA ARG A 182 -7.65 -3.94 4.30
C ARG A 182 -6.14 -3.87 4.19
N ASP A 183 -5.67 -3.07 3.24
CA ASP A 183 -4.23 -2.88 3.06
C ASP A 183 -3.67 -2.25 4.33
N SER A 184 -4.40 -1.26 4.85
CA SER A 184 -4.00 -0.59 6.07
C SER A 184 -3.93 -1.60 7.22
N GLU A 185 -4.93 -2.47 7.29
CA GLU A 185 -5.00 -3.46 8.36
C GLU A 185 -3.86 -4.45 8.31
N ARG A 186 -3.55 -4.93 7.11
CA ARG A 186 -2.47 -5.89 6.95
C ARG A 186 -1.16 -5.22 7.34
N LEU A 187 -1.06 -3.94 7.04
CA LEU A 187 0.12 -3.16 7.35
C LEU A 187 0.35 -3.14 8.87
N GLY A 188 -0.73 -3.04 9.64
CA GLY A 188 -0.59 -3.02 11.09
C GLY A 188 -0.15 -4.38 11.62
N GLU A 189 -0.64 -5.46 11.04
CA GLU A 189 -0.27 -6.79 11.49
C GLU A 189 1.22 -7.06 11.27
N VAL A 190 1.72 -6.62 10.13
CA VAL A 190 3.13 -6.79 9.78
C VAL A 190 4.00 -5.98 10.73
N LYS A 191 3.53 -4.80 11.09
CA LYS A 191 4.26 -3.95 12.00
C LYS A 191 4.48 -4.67 13.33
N LYS A 192 3.48 -5.42 13.77
CA LYS A 192 3.59 -6.13 15.04
C LYS A 192 4.75 -7.12 15.06
N ARG A 193 4.92 -7.91 14.00
CA ARG A 193 6.03 -8.86 13.96
C ARG A 193 7.34 -8.14 13.66
N ILE A 194 7.26 -6.99 13.03
CA ILE A 194 8.47 -6.21 12.75
C ILE A 194 9.00 -5.70 14.10
N ASN A 195 8.06 -5.36 14.98
CA ASN A 195 8.36 -4.80 16.30
C ASN A 195 8.91 -5.77 17.32
N VAL A 196 9.69 -6.74 16.88
CA VAL A 196 10.27 -7.71 17.82
C VAL A 196 11.78 -7.54 17.73
N LEU A 197 12.39 -7.27 18.88
CA LEU A 197 13.83 -7.04 18.97
C LEU A 197 14.72 -8.27 18.74
N PRO A 198 15.59 -8.23 17.72
CA PRO A 198 16.52 -9.30 17.35
C PRO A 198 17.93 -9.05 17.94
N LEU A 199 18.18 -7.84 18.40
CA LEU A 199 19.47 -7.48 19.00
C LEU A 199 19.70 -8.41 20.20
N GLY A 200 20.92 -8.94 20.30
CA GLY A 200 21.24 -9.84 21.38
C GLY A 200 21.23 -11.29 20.91
N SER A 201 21.22 -11.51 19.60
CA SER A 201 21.22 -12.87 19.05
C SER A 201 22.62 -13.28 18.64
N GLY A 202 23.55 -12.31 18.64
CA GLY A 202 24.93 -12.58 18.28
C GLY A 202 25.03 -12.96 16.81
N ALA A 203 25.97 -13.83 16.47
CA ALA A 203 26.13 -14.28 15.10
C ALA A 203 25.14 -15.41 14.80
N LEU A 204 24.59 -16.01 15.86
CA LEU A 204 23.61 -17.10 15.75
C LEU A 204 23.32 -17.84 17.06
N ALA A 205 24.30 -17.86 17.97
CA ALA A 205 24.15 -18.59 19.22
C ALA A 205 23.58 -17.78 20.38
N GLY A 206 23.42 -16.48 20.18
CA GLY A 206 22.87 -15.62 21.22
C GLY A 206 23.95 -14.70 21.73
N ASN A 207 23.71 -14.08 22.88
CA ASN A 207 24.68 -13.18 23.50
C ASN A 207 25.30 -13.89 24.71
N PRO A 208 26.63 -13.85 24.84
CA PRO A 208 27.34 -14.51 25.94
C PRO A 208 27.59 -13.70 27.19
N LEU A 209 27.16 -12.44 27.21
CA LEU A 209 27.41 -11.57 28.34
C LEU A 209 26.26 -11.44 29.31
N ASP A 210 25.17 -12.15 29.08
CA ASP A 210 24.01 -12.01 29.93
C ASP A 210 23.54 -10.56 29.77
N ILE A 211 23.63 -10.10 28.53
CA ILE A 211 23.22 -8.77 28.17
C ILE A 211 21.74 -8.60 28.53
N ASP A 212 21.37 -7.41 28.96
CA ASP A 212 19.99 -7.16 29.35
C ASP A 212 19.14 -6.83 28.13
N ARG A 213 18.51 -7.85 27.55
CA ARG A 213 17.71 -7.66 26.34
C ARG A 213 16.47 -6.83 26.58
N GLU A 214 15.89 -6.92 27.77
CA GLU A 214 14.70 -6.14 28.07
C GLU A 214 15.06 -4.65 28.07
N MET A 215 16.22 -4.32 28.62
CA MET A 215 16.69 -2.96 28.64
C MET A 215 16.85 -2.47 27.19
N LEU A 216 17.40 -3.35 26.35
CA LEU A 216 17.58 -3.04 24.92
C LEU A 216 16.20 -2.78 24.31
N ARG A 217 15.26 -3.69 24.56
CA ARG A 217 13.91 -3.57 24.03
C ARG A 217 13.25 -2.23 24.28
N SER A 218 13.08 -1.88 25.55
CA SER A 218 12.44 -0.61 25.88
C SER A 218 13.24 0.57 25.33
N GLU A 219 14.56 0.51 25.46
CA GLU A 219 15.40 1.57 24.97
C GLU A 219 15.17 1.83 23.47
N LEU A 220 15.14 0.76 22.67
CA LEU A 220 14.93 0.90 21.23
C LEU A 220 13.48 0.95 20.83
N GLU A 221 12.61 0.79 21.83
CA GLU A 221 11.17 0.84 21.64
C GLU A 221 10.49 -0.30 20.87
N PHE A 222 10.99 -1.52 21.07
CA PHE A 222 10.38 -2.68 20.43
C PHE A 222 9.31 -3.20 21.39
N ALA A 223 8.32 -3.91 20.86
CA ALA A 223 7.27 -4.45 21.69
C ALA A 223 7.71 -5.68 22.46
N SER A 224 8.70 -6.40 21.95
CA SER A 224 9.20 -7.60 22.61
C SER A 224 10.54 -8.04 22.03
N ILE A 225 11.05 -9.18 22.51
CA ILE A 225 12.34 -9.67 22.02
C ILE A 225 12.22 -10.99 21.26
N SER A 226 13.20 -11.28 20.42
CA SER A 226 13.18 -12.51 19.63
C SER A 226 13.29 -13.72 20.55
N LEU A 227 12.63 -14.81 20.17
CA LEU A 227 12.63 -16.03 20.94
C LEU A 227 13.81 -16.98 20.73
N ASN A 228 14.37 -17.01 19.52
CA ASN A 228 15.46 -17.92 19.22
C ASN A 228 16.51 -17.17 18.40
N SER A 229 17.77 -17.24 18.85
CA SER A 229 18.86 -16.53 18.19
C SER A 229 19.18 -17.01 16.79
N MET A 230 19.00 -18.29 16.54
CA MET A 230 19.26 -18.85 15.23
C MET A 230 18.22 -18.36 14.24
N ASP A 231 16.97 -18.27 14.67
CA ASP A 231 15.91 -17.78 13.79
C ASP A 231 16.00 -16.26 13.59
N ALA A 232 16.29 -15.54 14.66
CA ALA A 232 16.37 -14.09 14.59
C ALA A 232 17.38 -13.62 13.55
N ILE A 233 18.46 -14.37 13.40
CA ILE A 233 19.53 -14.04 12.47
C ILE A 233 19.36 -14.59 11.05
N SER A 234 18.60 -15.68 10.91
CA SER A 234 18.37 -16.31 9.60
C SER A 234 17.13 -15.81 8.87
N GLU A 235 16.10 -15.41 9.62
CA GLU A 235 14.84 -14.99 9.01
C GLU A 235 14.75 -13.60 8.39
N ARG A 236 13.84 -13.47 7.44
CA ARG A 236 13.57 -12.23 6.77
C ARG A 236 12.06 -12.22 6.46
N ASP A 237 11.29 -12.90 7.29
CA ASP A 237 9.83 -12.96 7.10
C ASP A 237 9.28 -11.53 7.08
N PHE A 238 9.86 -10.69 7.93
CA PHE A 238 9.41 -9.32 8.05
C PHE A 238 9.62 -8.53 6.77
N VAL A 239 10.58 -8.96 5.95
CA VAL A 239 10.83 -8.30 4.68
C VAL A 239 9.81 -8.80 3.66
N VAL A 240 9.64 -10.11 3.62
CA VAL A 240 8.71 -10.76 2.69
C VAL A 240 7.29 -10.25 2.95
N GLU A 241 6.91 -10.21 4.22
CA GLU A 241 5.58 -9.75 4.61
C GLU A 241 5.37 -8.35 4.10
N PHE A 242 6.31 -7.46 4.42
CA PHE A 242 6.21 -6.09 3.99
C PHE A 242 6.03 -6.00 2.49
N LEU A 243 6.93 -6.65 1.77
CA LEU A 243 6.89 -6.65 0.32
C LEU A 243 5.58 -7.21 -0.21
N SER A 244 5.06 -8.22 0.49
CA SER A 244 3.83 -8.85 0.05
C SER A 244 2.61 -7.94 0.18
N VAL A 245 2.47 -7.35 1.36
CA VAL A 245 1.36 -6.44 1.60
C VAL A 245 1.47 -5.21 0.70
N ALA A 246 2.69 -4.68 0.54
CA ALA A 246 2.90 -3.53 -0.33
C ALA A 246 2.49 -3.86 -1.75
N THR A 247 2.76 -5.10 -2.17
CA THR A 247 2.42 -5.53 -3.53
C THR A 247 0.90 -5.58 -3.74
N LEU A 248 0.17 -6.04 -2.75
CA LEU A 248 -1.27 -6.15 -2.86
C LEU A 248 -1.86 -4.76 -2.83
N LEU A 249 -1.26 -3.88 -2.04
CA LEU A 249 -1.68 -2.49 -1.95
C LEU A 249 -1.52 -1.90 -3.36
N LEU A 250 -0.37 -2.16 -3.99
CA LEU A 250 -0.13 -1.66 -5.33
C LEU A 250 -1.12 -2.25 -6.32
N ILE A 251 -1.47 -3.53 -6.13
CA ILE A 251 -2.44 -4.19 -7.00
C ILE A 251 -3.76 -3.40 -6.97
N HIS A 252 -4.21 -3.06 -5.76
CA HIS A 252 -5.42 -2.27 -5.63
C HIS A 252 -5.27 -0.96 -6.38
N LEU A 253 -4.12 -0.32 -6.25
CA LEU A 253 -3.90 0.95 -6.93
C LEU A 253 -3.83 0.81 -8.45
N SER A 254 -3.45 -0.37 -8.92
CA SER A 254 -3.36 -0.58 -10.38
C SER A 254 -4.76 -0.73 -10.95
N LYS A 255 -5.68 -1.24 -10.13
CA LYS A 255 -7.04 -1.45 -10.58
C LYS A 255 -7.76 -0.10 -10.60
N MET A 256 -7.52 0.71 -9.58
CA MET A 256 -8.13 2.03 -9.54
C MET A 256 -7.55 2.86 -10.71
N ALA A 257 -6.25 2.72 -10.96
CA ALA A 257 -5.61 3.44 -12.06
C ALA A 257 -6.27 3.02 -13.38
N GLU A 258 -6.37 1.71 -13.58
CA GLU A 258 -7.01 1.17 -14.79
C GLU A 258 -8.40 1.80 -14.97
N ASP A 259 -9.14 1.92 -13.87
CA ASP A 259 -10.47 2.52 -13.89
C ASP A 259 -10.44 3.99 -14.32
N LEU A 260 -9.67 4.80 -13.59
CA LEU A 260 -9.59 6.24 -13.86
C LEU A 260 -9.05 6.59 -15.26
N ILE A 261 -8.06 5.83 -15.72
CA ILE A 261 -7.48 6.04 -17.04
C ILE A 261 -8.57 5.77 -18.11
N ILE A 262 -9.30 4.68 -17.93
CA ILE A 262 -10.36 4.37 -18.87
C ILE A 262 -11.47 5.42 -18.80
N TYR A 263 -11.84 5.82 -17.59
CA TYR A 263 -12.89 6.82 -17.43
C TYR A 263 -12.44 8.18 -17.92
N SER A 264 -11.12 8.35 -18.02
N SER A 264 -11.12 8.36 -18.04
CA SER A 264 -10.53 9.61 -18.49
CA SER A 264 -10.59 9.64 -18.50
C SER A 264 -10.50 9.65 -20.01
C SER A 264 -10.50 9.66 -20.01
N THR A 265 -10.82 8.55 -20.67
CA THR A 265 -10.80 8.53 -22.14
C THR A 265 -11.88 9.48 -22.66
N SER A 266 -11.79 9.87 -23.94
CA SER A 266 -12.83 10.75 -24.47
C SER A 266 -14.08 9.92 -24.77
N GLU A 267 -13.90 8.63 -25.04
CA GLU A 267 -15.00 7.71 -25.31
C GLU A 267 -15.90 7.56 -24.08
N PHE A 268 -15.29 7.42 -22.91
CA PHE A 268 -16.07 7.31 -21.69
C PHE A 268 -16.45 8.72 -21.25
N GLY A 269 -15.45 9.58 -21.14
CA GLY A 269 -15.71 10.96 -20.78
C GLY A 269 -16.27 11.22 -19.38
N PHE A 270 -16.08 10.31 -18.43
CA PHE A 270 -16.61 10.55 -17.10
C PHE A 270 -15.81 11.56 -16.28
N LEU A 271 -14.50 11.65 -16.54
CA LEU A 271 -13.70 12.57 -15.77
C LEU A 271 -12.40 12.97 -16.43
N THR A 272 -11.74 13.99 -15.88
CA THR A 272 -10.45 14.46 -16.35
C THR A 272 -9.64 14.77 -15.09
N LEU A 273 -8.37 14.42 -15.10
CA LEU A 273 -7.51 14.70 -13.97
C LEU A 273 -7.11 16.18 -14.04
N SER A 274 -6.54 16.72 -12.98
CA SER A 274 -6.10 18.12 -12.98
C SER A 274 -4.81 18.21 -13.77
N ASP A 275 -4.43 19.42 -14.17
CA ASP A 275 -3.20 19.59 -14.91
C ASP A 275 -1.97 19.20 -14.11
N ALA A 276 -2.06 19.33 -12.79
CA ALA A 276 -0.93 19.01 -11.93
C ALA A 276 -0.61 17.53 -11.99
N PHE A 277 -1.59 16.70 -12.35
CA PHE A 277 -1.35 15.28 -12.42
C PHE A 277 -1.38 14.70 -13.82
N SER A 278 -1.08 15.53 -14.81
CA SER A 278 -1.06 15.11 -16.20
C SER A 278 0.14 15.76 -16.87
N THR A 279 0.40 15.41 -18.12
CA THR A 279 1.47 16.02 -18.88
C THR A 279 1.04 15.92 -20.32
N GLY A 280 1.63 16.77 -21.15
CA GLY A 280 1.31 16.80 -22.55
C GLY A 280 2.30 15.98 -23.36
N SER A 281 2.36 16.28 -24.64
CA SER A 281 3.23 15.56 -25.58
C SER A 281 4.04 16.57 -26.38
N SER A 282 5.36 16.40 -26.38
CA SER A 282 6.24 17.31 -27.10
C SER A 282 6.01 17.24 -28.61
N LEU A 283 5.28 16.22 -29.06
CA LEU A 283 5.01 16.04 -30.49
C LEU A 283 3.57 16.38 -30.86
N MET A 284 2.62 15.82 -30.12
CA MET A 284 1.18 16.02 -30.36
C MET A 284 0.61 17.11 -29.45
N PRO A 285 0.37 18.31 -30.01
CA PRO A 285 -0.14 19.46 -29.26
C PRO A 285 -1.45 19.28 -28.53
N GLN A 286 -2.33 18.42 -29.02
CA GLN A 286 -3.61 18.24 -28.35
C GLN A 286 -3.57 17.42 -27.06
N LYS A 287 -2.55 16.58 -26.89
CA LYS A 287 -2.49 15.71 -25.72
C LYS A 287 -2.46 16.30 -24.31
N LYS A 288 -3.16 15.59 -23.44
CA LYS A 288 -3.27 15.85 -22.02
C LYS A 288 -3.30 14.38 -21.56
N ASN A 289 -2.20 13.87 -21.02
CA ASN A 289 -2.17 12.46 -20.61
C ASN A 289 -2.20 12.23 -19.09
N PRO A 290 -2.84 11.12 -18.64
CA PRO A 290 -2.92 10.82 -17.21
C PRO A 290 -1.69 10.11 -16.66
N ASP A 291 -0.51 10.70 -16.88
CA ASP A 291 0.75 10.13 -16.40
C ASP A 291 0.74 9.65 -14.95
N SER A 292 0.18 10.44 -14.05
CA SER A 292 0.14 10.08 -12.64
C SER A 292 -0.38 8.65 -12.42
N LEU A 293 -1.49 8.32 -13.04
CA LEU A 293 -2.09 7.01 -12.90
C LEU A 293 -1.31 5.90 -13.58
N GLU A 294 -0.74 6.19 -14.75
CA GLU A 294 0.03 5.15 -15.44
C GLU A 294 1.30 4.87 -14.63
N LEU A 295 1.92 5.91 -14.10
CA LEU A 295 3.12 5.70 -13.31
C LEU A 295 2.79 4.77 -12.15
N ILE A 296 1.69 5.07 -11.48
CA ILE A 296 1.27 4.30 -10.33
C ILE A 296 0.99 2.85 -10.72
N ARG A 297 0.26 2.65 -11.81
CA ARG A 297 -0.06 1.30 -12.28
C ARG A 297 1.22 0.48 -12.54
N SER A 298 2.23 1.10 -13.13
CA SER A 298 3.46 0.38 -13.42
C SER A 298 4.26 0.03 -12.17
N LYS A 299 4.06 0.78 -11.09
CA LYS A 299 4.82 0.50 -9.88
C LYS A 299 4.41 -0.83 -9.27
N ALA A 300 3.23 -1.32 -9.66
CA ALA A 300 2.76 -2.59 -9.14
C ALA A 300 3.77 -3.63 -9.54
N GLY A 301 4.20 -3.56 -10.80
CA GLY A 301 5.16 -4.51 -11.29
C GLY A 301 6.50 -4.35 -10.58
N ARG A 302 6.90 -3.10 -10.39
CA ARG A 302 8.17 -2.81 -9.72
C ARG A 302 8.23 -3.42 -8.32
N VAL A 303 7.18 -3.20 -7.53
CA VAL A 303 7.12 -3.72 -6.17
C VAL A 303 7.00 -5.24 -6.17
N PHE A 304 6.31 -5.77 -7.17
CA PHE A 304 6.16 -7.22 -7.25
C PHE A 304 7.49 -7.86 -7.53
N GLY A 305 8.31 -7.19 -8.33
CA GLY A 305 9.63 -7.70 -8.67
C GLY A 305 10.47 -7.76 -7.42
N ARG A 306 10.30 -6.78 -6.55
CA ARG A 306 11.06 -6.79 -5.33
C ARG A 306 10.65 -7.98 -4.48
N LEU A 307 9.36 -8.27 -4.41
CA LEU A 307 8.86 -9.41 -3.64
C LEU A 307 9.40 -10.71 -4.25
N ALA A 308 9.28 -10.84 -5.55
CA ALA A 308 9.77 -12.03 -6.21
C ALA A 308 11.26 -12.26 -5.91
N SER A 309 12.07 -11.20 -5.99
CA SER A 309 13.50 -11.36 -5.75
C SER A 309 13.82 -11.86 -4.36
N ILE A 310 13.19 -11.29 -3.35
CA ILE A 310 13.50 -11.72 -1.98
C ILE A 310 13.04 -13.16 -1.75
N LEU A 311 11.86 -13.54 -2.24
CA LEU A 311 11.40 -14.91 -2.06
C LEU A 311 12.41 -15.88 -2.69
N MET A 312 12.95 -15.51 -3.85
CA MET A 312 13.92 -16.36 -4.51
C MET A 312 15.25 -16.37 -3.71
N VAL A 313 15.69 -15.22 -3.24
CA VAL A 313 16.91 -15.14 -2.47
C VAL A 313 16.88 -16.07 -1.26
N LEU A 314 15.71 -16.18 -0.65
CA LEU A 314 15.52 -16.99 0.55
C LEU A 314 15.35 -18.50 0.34
N LYS A 315 14.58 -18.86 -0.68
CA LYS A 315 14.33 -20.26 -0.98
C LYS A 315 15.58 -21.14 -1.03
N GLY A 316 15.50 -22.28 -0.33
CA GLY A 316 16.60 -23.20 -0.30
C GLY A 316 17.90 -22.80 0.41
N LEU A 317 17.92 -21.67 1.11
CA LEU A 317 19.14 -21.28 1.81
C LEU A 317 19.25 -22.02 3.14
N PRO A 318 20.47 -22.46 3.51
CA PRO A 318 20.65 -23.17 4.77
C PRO A 318 20.69 -22.25 6.00
N SER A 319 20.51 -22.82 7.19
CA SER A 319 20.61 -21.99 8.39
C SER A 319 22.12 -21.80 8.47
N THR A 320 22.61 -20.73 9.07
CA THR A 320 21.84 -19.69 9.73
C THR A 320 21.88 -18.42 8.86
N TYR A 321 22.87 -17.56 9.07
CA TYR A 321 23.03 -16.36 8.26
C TYR A 321 23.83 -16.75 7.02
N ASN A 322 23.54 -16.07 5.91
CA ASN A 322 24.22 -16.28 4.62
C ASN A 322 24.33 -14.89 3.99
N LYS A 323 25.43 -14.61 3.31
CA LYS A 323 25.63 -13.30 2.70
C LYS A 323 24.54 -12.95 1.67
N ASP A 324 23.82 -13.96 1.20
CA ASP A 324 22.75 -13.78 0.22
C ASP A 324 21.71 -12.81 0.74
N LEU A 325 21.49 -12.88 2.05
CA LEU A 325 20.49 -12.06 2.70
C LEU A 325 20.69 -10.55 2.53
N GLN A 326 21.90 -10.12 2.21
CA GLN A 326 22.18 -8.70 2.06
C GLN A 326 21.33 -7.98 1.00
N GLU A 327 20.71 -8.72 0.09
CA GLU A 327 19.86 -8.12 -0.95
C GLU A 327 18.57 -7.51 -0.38
N ASP A 328 18.24 -7.84 0.86
CA ASP A 328 17.01 -7.32 1.43
C ASP A 328 16.95 -5.78 1.57
N LYS A 329 18.04 -5.18 2.03
CA LYS A 329 18.11 -3.72 2.25
C LYS A 329 17.60 -2.88 1.09
N GLU A 330 18.21 -3.04 -0.07
CA GLU A 330 17.82 -2.25 -1.22
C GLU A 330 16.37 -2.49 -1.66
N ALA A 331 15.88 -3.71 -1.53
CA ALA A 331 14.50 -4.00 -1.90
C ALA A 331 13.53 -3.27 -0.96
N VAL A 332 13.81 -3.31 0.35
CA VAL A 332 12.93 -2.65 1.31
C VAL A 332 12.89 -1.13 1.14
N ILE A 333 14.07 -0.55 1.01
CA ILE A 333 14.20 0.88 0.83
C ILE A 333 13.51 1.36 -0.44
N ASP A 334 13.64 0.60 -1.52
CA ASP A 334 13.03 0.98 -2.78
C ASP A 334 11.52 0.92 -2.73
N VAL A 335 10.99 -0.09 -2.04
CA VAL A 335 9.56 -0.23 -1.94
C VAL A 335 8.99 0.79 -0.95
N VAL A 336 9.75 1.12 0.08
CA VAL A 336 9.28 2.11 1.03
C VAL A 336 9.15 3.48 0.34
N ASP A 337 10.09 3.77 -0.55
CA ASP A 337 10.09 5.04 -1.25
C ASP A 337 9.04 5.09 -2.33
N THR A 338 8.74 3.93 -2.92
CA THR A 338 7.75 3.85 -3.99
C THR A 338 6.38 4.10 -3.35
N LEU A 339 6.15 3.44 -2.22
CA LEU A 339 4.89 3.58 -1.51
C LEU A 339 4.64 5.03 -1.13
N THR A 340 5.61 5.62 -0.47
CA THR A 340 5.49 7.00 -0.06
C THR A 340 5.11 7.92 -1.22
N ALA A 341 5.79 7.78 -2.35
CA ALA A 341 5.48 8.62 -3.48
C ALA A 341 4.13 8.28 -4.09
N VAL A 342 3.91 7.00 -4.34
CA VAL A 342 2.68 6.54 -4.93
C VAL A 342 1.43 6.94 -4.13
N LEU A 343 1.46 6.72 -2.82
CA LEU A 343 0.31 7.08 -2.01
C LEU A 343 -0.04 8.56 -2.06
N GLN A 344 0.96 9.43 -1.96
CA GLN A 344 0.67 10.86 -1.98
C GLN A 344 0.14 11.30 -3.31
N VAL A 345 0.67 10.73 -4.39
CA VAL A 345 0.23 11.10 -5.72
C VAL A 345 -1.21 10.64 -5.94
N ALA A 346 -1.52 9.45 -5.46
CA ALA A 346 -2.86 8.92 -5.61
C ALA A 346 -3.85 9.85 -4.95
N THR A 347 -3.48 10.38 -3.79
CA THR A 347 -4.32 11.30 -3.04
C THR A 347 -4.59 12.56 -3.84
N GLY A 348 -3.54 13.17 -4.37
CA GLY A 348 -3.72 14.38 -5.16
C GLY A 348 -4.70 14.15 -6.30
N VAL A 349 -4.53 13.03 -7.00
CA VAL A 349 -5.38 12.65 -8.12
C VAL A 349 -6.87 12.59 -7.74
N ILE A 350 -7.18 11.79 -6.73
CA ILE A 350 -8.56 11.63 -6.28
C ILE A 350 -9.18 12.94 -5.82
N SER A 351 -8.42 13.75 -5.09
CA SER A 351 -9.00 14.98 -4.57
C SER A 351 -9.12 16.11 -5.57
N THR A 352 -8.31 16.12 -6.63
CA THR A 352 -8.37 17.22 -7.59
C THR A 352 -8.99 16.88 -8.94
N LEU A 353 -9.28 15.61 -9.18
CA LEU A 353 -9.87 15.24 -10.46
C LEU A 353 -11.27 15.84 -10.57
N GLN A 354 -11.70 16.05 -11.81
CA GLN A 354 -12.99 16.66 -12.07
C GLN A 354 -13.93 15.68 -12.76
N ILE A 355 -15.04 15.31 -12.12
CA ILE A 355 -15.97 14.42 -12.79
C ILE A 355 -16.95 15.23 -13.65
N SER A 356 -17.56 14.58 -14.63
CA SER A 356 -18.54 15.23 -15.48
C SER A 356 -19.85 14.59 -15.14
N LYS A 357 -20.56 15.22 -14.21
CA LYS A 357 -21.85 14.69 -13.79
C LYS A 357 -22.77 14.51 -14.98
N GLU A 358 -22.66 15.41 -15.96
CA GLU A 358 -23.50 15.33 -17.13
C GLU A 358 -23.29 14.09 -17.98
N ASN A 359 -22.02 13.74 -18.21
CA ASN A 359 -21.71 12.58 -19.01
C ASN A 359 -21.97 11.29 -18.26
N MET A 360 -21.75 11.31 -16.95
CA MET A 360 -22.01 10.11 -16.18
C MET A 360 -23.50 9.84 -16.27
N GLU A 361 -24.28 10.91 -16.35
CA GLU A 361 -25.72 10.80 -16.44
C GLU A 361 -26.10 10.30 -17.83
N LYS A 362 -25.54 10.90 -18.89
CA LYS A 362 -25.85 10.46 -20.25
C LYS A 362 -25.57 8.98 -20.49
N ALA A 363 -24.52 8.46 -19.85
CA ALA A 363 -24.13 7.06 -20.01
C ALA A 363 -25.15 6.10 -19.43
N LEU A 364 -26.06 6.62 -18.62
CA LEU A 364 -27.12 5.82 -18.03
C LEU A 364 -28.12 5.45 -19.13
N THR A 365 -28.01 4.23 -19.65
CA THR A 365 -28.92 3.78 -20.70
C THR A 365 -29.85 2.66 -20.20
N PRO A 366 -31.06 2.57 -20.78
CA PRO A 366 -32.09 1.59 -20.41
C PRO A 366 -31.73 0.10 -20.33
N GLU A 367 -30.86 -0.39 -21.21
CA GLU A 367 -30.52 -1.82 -21.18
C GLU A 367 -29.94 -2.27 -19.83
N MET A 368 -29.37 -1.35 -19.07
CA MET A 368 -28.79 -1.67 -17.78
C MET A 368 -29.89 -1.94 -16.77
N LEU A 369 -31.13 -1.71 -17.17
CA LEU A 369 -32.26 -1.90 -16.27
C LEU A 369 -32.99 -3.20 -16.54
N ALA A 370 -32.43 -4.00 -17.43
CA ALA A 370 -33.04 -5.27 -17.81
C ALA A 370 -33.21 -6.22 -16.64
N THR A 371 -32.35 -6.14 -15.64
CA THR A 371 -32.50 -7.03 -14.51
C THR A 371 -33.72 -6.59 -13.69
N ASP A 372 -33.88 -5.28 -13.57
CA ASP A 372 -34.99 -4.68 -12.84
C ASP A 372 -36.30 -5.04 -13.52
N LEU A 373 -36.27 -5.11 -14.84
CA LEU A 373 -37.45 -5.45 -15.63
C LEU A 373 -37.87 -6.89 -15.35
N ALA A 374 -36.88 -7.76 -15.13
CA ALA A 374 -37.18 -9.17 -14.84
C ALA A 374 -37.73 -9.30 -13.41
N LEU A 375 -37.18 -8.52 -12.47
CA LEU A 375 -37.67 -8.57 -11.09
C LEU A 375 -39.11 -8.08 -11.09
N TYR A 376 -39.41 -7.12 -11.96
CA TYR A 376 -40.76 -6.58 -12.07
C TYR A 376 -41.76 -7.73 -12.27
N LEU A 377 -41.45 -8.59 -13.24
CA LEU A 377 -42.29 -9.74 -13.54
C LEU A 377 -42.26 -10.74 -12.39
N VAL A 378 -41.12 -10.84 -11.72
CA VAL A 378 -40.99 -11.76 -10.58
C VAL A 378 -41.97 -11.33 -9.49
N ARG A 379 -42.06 -10.02 -9.25
CA ARG A 379 -42.97 -9.48 -8.23
C ARG A 379 -44.43 -9.80 -8.60
N LYS A 380 -44.69 -9.92 -9.90
CA LYS A 380 -46.04 -10.22 -10.35
C LYS A 380 -46.29 -11.73 -10.38
N GLY A 381 -45.35 -12.51 -9.87
CA GLY A 381 -45.56 -13.95 -9.83
C GLY A 381 -44.69 -14.87 -10.68
N MET A 382 -44.06 -14.33 -11.71
CA MET A 382 -43.24 -15.16 -12.60
C MET A 382 -41.90 -15.59 -12.00
N PRO A 383 -41.53 -16.88 -12.17
CA PRO A 383 -40.25 -17.37 -11.65
C PRO A 383 -39.10 -16.71 -12.41
N PHE A 384 -38.06 -16.32 -11.68
CA PHE A 384 -36.93 -15.61 -12.29
C PHE A 384 -36.40 -16.12 -13.62
N ARG A 385 -36.21 -17.42 -13.74
CA ARG A 385 -35.67 -17.96 -14.98
C ARG A 385 -36.51 -17.50 -16.18
N GLN A 386 -37.82 -17.54 -16.03
CA GLN A 386 -38.72 -17.13 -17.11
C GLN A 386 -38.70 -15.61 -17.25
N ALA A 387 -38.70 -14.93 -16.11
CA ALA A 387 -38.65 -13.47 -16.10
C ALA A 387 -37.41 -12.97 -16.83
N HIS A 388 -36.30 -13.69 -16.67
CA HIS A 388 -35.02 -13.34 -17.29
C HIS A 388 -35.08 -13.46 -18.79
N THR A 389 -35.68 -14.54 -19.29
CA THR A 389 -35.78 -14.74 -20.73
C THR A 389 -36.77 -13.74 -21.35
N ALA A 390 -37.79 -13.37 -20.59
CA ALA A 390 -38.79 -12.42 -21.07
C ALA A 390 -38.10 -11.06 -21.24
N SER A 391 -37.37 -10.66 -20.21
CA SER A 391 -36.66 -9.39 -20.25
C SER A 391 -35.65 -9.44 -21.39
N GLY A 392 -35.04 -10.61 -21.59
CA GLY A 392 -34.08 -10.76 -22.66
C GLY A 392 -34.74 -10.44 -23.99
N LYS A 393 -35.94 -10.96 -24.20
CA LYS A 393 -36.68 -10.74 -25.44
C LYS A 393 -36.96 -9.26 -25.68
N ALA A 394 -37.33 -8.55 -24.64
CA ALA A 394 -37.58 -7.13 -24.77
C ALA A 394 -36.31 -6.42 -25.22
N VAL A 395 -35.17 -6.83 -24.67
CA VAL A 395 -33.89 -6.21 -25.02
C VAL A 395 -33.65 -6.45 -26.50
N HIS A 396 -33.89 -7.67 -26.94
CA HIS A 396 -33.69 -7.99 -28.35
C HIS A 396 -34.72 -7.35 -29.26
N LEU A 397 -35.97 -7.29 -28.83
CA LEU A 397 -37.00 -6.67 -29.65
C LEU A 397 -36.58 -5.23 -29.92
N ALA A 398 -36.22 -4.51 -28.86
CA ALA A 398 -35.79 -3.12 -28.99
C ALA A 398 -34.61 -2.98 -29.92
N GLU A 399 -33.67 -3.93 -29.86
CA GLU A 399 -32.52 -3.87 -30.75
C GLU A 399 -32.99 -4.02 -32.18
N THR A 400 -33.68 -5.11 -32.47
CA THR A 400 -34.17 -5.33 -33.82
C THR A 400 -34.98 -4.13 -34.31
N LYS A 401 -35.63 -3.42 -33.39
CA LYS A 401 -36.43 -2.25 -33.75
C LYS A 401 -35.59 -0.98 -33.82
N GLY A 402 -34.34 -1.06 -33.39
CA GLY A 402 -33.46 0.10 -33.42
C GLY A 402 -33.71 1.16 -32.35
N ILE A 403 -34.33 0.77 -31.25
CA ILE A 403 -34.62 1.71 -30.16
C ILE A 403 -34.16 1.12 -28.84
N ALA A 404 -34.27 1.90 -27.77
CA ALA A 404 -33.89 1.42 -26.45
C ALA A 404 -35.16 0.78 -25.88
N ILE A 405 -35.00 -0.11 -24.90
CA ILE A 405 -36.17 -0.79 -24.34
C ILE A 405 -37.25 0.09 -23.73
N ASN A 406 -36.89 1.23 -23.15
CA ASN A 406 -37.92 2.07 -22.54
C ASN A 406 -38.85 2.65 -23.60
N ASN A 407 -38.47 2.48 -24.87
CA ASN A 407 -39.26 2.99 -25.99
C ASN A 407 -40.18 1.97 -26.63
N LEU A 408 -40.17 0.73 -26.14
CA LEU A 408 -41.08 -0.27 -26.70
C LEU A 408 -42.46 0.16 -26.20
N THR A 409 -43.52 -0.27 -26.87
CA THR A 409 -44.86 0.11 -26.43
C THR A 409 -45.35 -0.90 -25.41
N LEU A 410 -46.42 -0.56 -24.70
CA LEU A 410 -46.95 -1.48 -23.71
C LEU A 410 -47.44 -2.75 -24.41
N GLU A 411 -48.00 -2.62 -25.60
CA GLU A 411 -48.49 -3.80 -26.29
C GLU A 411 -47.32 -4.67 -26.74
N ASP A 412 -46.16 -4.05 -26.91
CA ASP A 412 -44.95 -4.79 -27.31
C ASP A 412 -44.57 -5.66 -26.14
N LEU A 413 -44.59 -5.09 -24.95
CA LEU A 413 -44.27 -5.84 -23.76
C LEU A 413 -45.30 -6.94 -23.51
N LYS A 414 -46.56 -6.67 -23.88
CA LYS A 414 -47.61 -7.66 -23.70
C LYS A 414 -47.36 -8.82 -24.66
N SER A 415 -46.81 -8.54 -25.84
CA SER A 415 -46.54 -9.59 -26.81
C SER A 415 -45.51 -10.55 -26.25
N ILE A 416 -44.73 -10.08 -25.28
CA ILE A 416 -43.72 -10.92 -24.64
C ILE A 416 -44.36 -11.60 -23.44
N SER A 417 -45.09 -10.84 -22.64
CA SER A 417 -45.81 -11.38 -21.47
C SER A 417 -46.94 -10.43 -21.08
N PRO A 418 -48.17 -10.93 -21.06
CA PRO A 418 -49.34 -10.13 -20.69
C PRO A 418 -49.24 -9.60 -19.26
N LEU A 419 -48.26 -10.10 -18.52
CA LEU A 419 -48.04 -9.71 -17.13
C LEU A 419 -47.57 -8.27 -17.02
N PHE A 420 -47.02 -7.73 -18.10
CA PHE A 420 -46.58 -6.34 -18.09
C PHE A 420 -47.79 -5.43 -18.09
N SER A 421 -47.81 -4.49 -17.13
CA SER A 421 -48.89 -3.50 -16.99
C SER A 421 -48.31 -2.09 -17.12
N SER A 422 -49.16 -1.12 -17.39
CA SER A 422 -48.74 0.26 -17.55
C SER A 422 -47.73 0.75 -16.49
N ASP A 423 -47.74 0.12 -15.32
CA ASP A 423 -46.82 0.55 -14.28
C ASP A 423 -45.37 0.14 -14.46
N VAL A 424 -45.01 -0.46 -15.61
CA VAL A 424 -43.62 -0.83 -15.83
C VAL A 424 -42.81 0.44 -15.97
N SER A 425 -43.51 1.54 -16.21
CA SER A 425 -42.89 2.85 -16.37
C SER A 425 -42.02 3.16 -15.18
N GLN A 426 -42.35 2.57 -14.03
CA GLN A 426 -41.60 2.81 -12.81
C GLN A 426 -40.26 2.10 -12.79
N VAL A 427 -40.13 1.08 -13.64
CA VAL A 427 -38.89 0.33 -13.77
C VAL A 427 -37.84 1.24 -14.40
N PHE A 428 -38.30 2.09 -15.31
CA PHE A 428 -37.42 2.99 -16.04
C PHE A 428 -37.12 4.29 -15.35
N ASN A 429 -36.42 4.15 -14.23
CA ASN A 429 -36.02 5.28 -13.40
C ASN A 429 -34.73 4.83 -12.69
N PHE A 430 -33.63 5.46 -13.05
CA PHE A 430 -32.34 5.09 -12.48
C PHE A 430 -32.22 5.32 -10.99
N VAL A 431 -32.82 6.39 -10.48
CA VAL A 431 -32.74 6.62 -9.06
C VAL A 431 -33.48 5.47 -8.39
N ASN A 432 -34.53 4.99 -9.04
CA ASN A 432 -35.32 3.88 -8.50
C ASN A 432 -34.52 2.61 -8.56
N SER A 433 -33.71 2.48 -9.61
CA SER A 433 -32.87 1.31 -9.78
C SER A 433 -31.91 1.22 -8.58
N VAL A 434 -30.95 2.14 -8.48
CA VAL A 434 -29.98 2.10 -7.38
C VAL A 434 -30.63 2.03 -6.01
N GLU A 435 -31.77 2.70 -5.83
CA GLU A 435 -32.43 2.70 -4.52
C GLU A 435 -33.02 1.36 -4.09
N GLN A 436 -32.92 0.36 -4.95
CA GLN A 436 -33.42 -0.96 -4.60
C GLN A 436 -32.43 -1.61 -3.62
N TYR A 437 -31.16 -1.24 -3.74
CA TYR A 437 -30.10 -1.86 -2.93
C TYR A 437 -29.79 -1.29 -1.56
N THR A 438 -30.78 -1.42 -0.68
CA THR A 438 -30.68 -0.95 0.68
C THR A 438 -30.04 -2.00 1.60
N ALA A 439 -30.15 -3.28 1.25
CA ALA A 439 -29.51 -4.29 2.09
C ALA A 439 -28.03 -3.88 2.23
N LEU A 440 -27.50 -3.98 3.45
CA LEU A 440 -26.11 -3.59 3.75
C LEU A 440 -25.12 -3.94 2.65
N GLY A 441 -24.32 -2.94 2.27
CA GLY A 441 -23.31 -3.10 1.24
C GLY A 441 -23.71 -2.63 -0.14
N GLY A 442 -25.02 -2.54 -0.37
CA GLY A 442 -25.51 -2.11 -1.68
C GLY A 442 -25.30 -0.65 -2.03
N THR A 443 -25.71 -0.30 -3.23
CA THR A 443 -25.55 1.05 -3.74
C THR A 443 -26.69 2.04 -3.41
N ALA A 444 -27.70 1.62 -2.66
CA ALA A 444 -28.75 2.56 -2.31
C ALA A 444 -28.09 3.65 -1.50
N LYS A 445 -28.63 4.86 -1.55
CA LYS A 445 -28.04 5.97 -0.83
C LYS A 445 -27.89 5.76 0.68
N SER A 446 -28.86 5.10 1.31
CA SER A 446 -28.77 4.87 2.76
C SER A 446 -27.66 3.88 3.09
N SER A 447 -27.33 3.01 2.14
CA SER A 447 -26.28 2.03 2.37
C SER A 447 -24.93 2.70 2.23
N VAL A 448 -24.85 3.62 1.27
CA VAL A 448 -23.61 4.35 1.05
C VAL A 448 -23.30 5.23 2.27
N THR A 449 -24.33 5.88 2.83
CA THR A 449 -24.08 6.72 3.99
C THR A 449 -23.61 5.82 5.14
N THR A 450 -24.15 4.61 5.21
CA THR A 450 -23.74 3.69 6.26
C THR A 450 -22.27 3.33 6.11
N GLN A 451 -21.87 3.04 4.88
CA GLN A 451 -20.49 2.68 4.59
C GLN A 451 -19.59 3.82 5.00
N ILE A 452 -19.93 5.03 4.59
CA ILE A 452 -19.13 6.19 4.93
C ILE A 452 -18.88 6.28 6.42
N GLU A 453 -19.93 6.04 7.21
CA GLU A 453 -19.79 6.10 8.64
C GLU A 453 -18.90 4.98 9.13
N GLN A 454 -19.06 3.80 8.57
CA GLN A 454 -18.25 2.67 8.99
C GLN A 454 -16.77 2.93 8.72
N LEU A 455 -16.48 3.46 7.53
CA LEU A 455 -15.10 3.72 7.17
C LEU A 455 -14.49 4.82 8.01
N ARG A 456 -15.26 5.85 8.35
CA ARG A 456 -14.71 6.90 9.19
C ARG A 456 -14.29 6.27 10.52
N GLU A 457 -15.07 5.33 11.01
CA GLU A 457 -14.73 4.68 12.27
C GLU A 457 -13.48 3.81 12.08
N LEU A 458 -13.49 2.99 11.04
CA LEU A 458 -12.35 2.12 10.78
C LEU A 458 -11.06 2.91 10.77
N MET A 459 -11.07 4.06 10.10
CA MET A 459 -9.90 4.92 10.01
C MET A 459 -9.49 5.42 11.39
N LYS A 460 -10.49 5.79 12.19
CA LYS A 460 -10.22 6.27 13.53
C LYS A 460 -9.44 5.21 14.30
N LYS A 461 -9.86 3.95 14.17
CA LYS A 461 -9.21 2.85 14.86
C LYS A 461 -7.83 2.50 14.26
N GLN A 462 -7.71 2.60 12.94
CA GLN A 462 -6.45 2.29 12.26
C GLN A 462 -5.39 3.29 12.70
N LYS A 463 -5.78 4.55 12.79
CA LYS A 463 -4.88 5.62 13.18
C LYS A 463 -4.20 5.40 14.53
N GLU A 464 -4.95 4.88 15.50
CA GLU A 464 -4.42 4.62 16.83
C GLU A 464 -3.92 3.17 16.98
S SO4 B . -21.88 -11.08 -15.49
O1 SO4 B . -21.29 -10.06 -14.63
O2 SO4 B . -23.06 -11.67 -14.82
O3 SO4 B . -22.29 -10.48 -16.78
O4 SO4 B . -20.91 -12.14 -15.79
CL CL C . -53.25 -4.47 -17.29
CL CL D . 32.64 1.90 37.07
CL CL E . -20.93 18.56 -14.96
O1 MES F . 41.49 13.03 17.12
C2 MES F . 41.65 13.32 15.72
C3 MES F . 40.96 14.67 15.41
N4 MES F . 39.48 14.50 15.72
C5 MES F . 39.30 14.12 17.20
C6 MES F . 40.09 12.83 17.49
C7 MES F . 38.69 15.75 15.47
C8 MES F . 37.20 15.45 15.30
S MES F . 36.29 16.96 15.01
O1S MES F . 36.50 17.84 16.17
O2S MES F . 34.89 16.57 14.85
O3S MES F . 36.84 17.54 13.78
#